data_6VUT
#
_entry.id   6VUT
#
_cell.length_a   175.190
_cell.length_b   175.190
_cell.length_c   122.191
_cell.angle_alpha   90.000
_cell.angle_beta   90.000
_cell.angle_gamma   120.000
#
_symmetry.space_group_name_H-M   'H 3 2'
#
loop_
_entity.id
_entity.type
_entity.pdbx_description
1 polymer 'N-acetyltransferase Eis'
2 non-polymer 2-[(4-amino-5,6,7,8-tetrahydro[1]benzothieno[2,3-d]pyrimidin-2-yl)sulfanyl]-N-[2-(morpholin-4-yl)ethyl]acetamide
3 non-polymer DI(HYDROXYETHYL)ETHER
4 non-polymer GLYCEROL
5 non-polymer 'SULFATE ION'
6 non-polymer 'SODIUM ION'
7 water water
#
_entity_poly.entity_id   1
_entity_poly.type   'polypeptide(L)'
_entity_poly.pdbx_seq_one_letter_code
;MGSSHHHHHHSSGLVPRGSHMTVTLCSPTEDDWPGMFLLAAASFTDFIGPESATAWRTLVPTDGAVVVRDGAGPGSEVVG
MALYMDLRLTVPGEVVLPTAGLSFVAVAPTHRRRGLLRAMCAELHRRIADSGYPVAALHASEGGIYGRFGYGPATTLHEL
TVDRRFARFHADAPGGGLGGSSVRLVRPTEHRGEFEAIYERWRQQVPGGLLRPQVLWDELLAEAKAAPGGDRESFALLHP
DGYALYRVDRTDLKLARVSELRAVTADAHCALWRALIGLDSMERISIITHPQDPLPHLLTDTRLARTTWRQDGLWLRIMN
VPAALEARGYAHEVGEFSTVLEVSDGGRFALKIGDGRARCTPTDAAAEIEMDRDVLGSLYLGAHRASTLAAANRLRTKDS
QLLRRLDAAFASDVPVQTAFEF
;
_entity_poly.pdbx_strand_id   A
#
# COMPACT_ATOMS: atom_id res chain seq x y z
N VAL A 23 -27.77 8.24 18.95
CA VAL A 23 -26.91 7.53 17.95
C VAL A 23 -27.34 8.00 16.55
N THR A 24 -27.01 9.25 16.21
CA THR A 24 -27.22 9.88 14.87
C THR A 24 -25.84 10.04 14.19
N LEU A 25 -25.79 9.95 12.87
CA LEU A 25 -24.54 9.92 12.06
C LEU A 25 -24.38 11.25 11.29
N CYS A 26 -23.32 12.01 11.59
CA CYS A 26 -23.10 13.41 11.13
C CYS A 26 -21.68 13.63 10.62
N SER A 27 -21.46 14.67 9.81
CA SER A 27 -20.14 15.23 9.46
C SER A 27 -19.61 16.01 10.66
N PRO A 28 -18.36 15.77 11.13
CA PRO A 28 -17.82 16.50 12.27
C PRO A 28 -17.71 18.01 12.01
N THR A 29 -17.99 18.80 13.04
CA THR A 29 -17.70 20.25 13.15
C THR A 29 -16.34 20.37 13.84
N GLU A 30 -15.73 21.56 13.87
CA GLU A 30 -14.41 21.81 14.50
C GLU A 30 -14.48 21.48 16.00
N ASP A 31 -15.65 21.65 16.63
CA ASP A 31 -15.91 21.34 18.06
C ASP A 31 -15.86 19.82 18.33
N ASP A 32 -15.92 18.97 17.29
CA ASP A 32 -16.00 17.50 17.43
C ASP A 32 -14.59 16.88 17.47
N TRP A 33 -13.55 17.58 17.03
CA TRP A 33 -12.22 16.95 16.83
C TRP A 33 -11.59 16.56 18.17
N PRO A 34 -11.55 17.42 19.20
CA PRO A 34 -11.03 17.00 20.52
C PRO A 34 -11.60 15.64 20.96
N GLY A 35 -12.91 15.44 20.77
CA GLY A 35 -13.60 14.17 21.06
C GLY A 35 -13.11 13.02 20.19
N MET A 36 -12.74 13.33 18.93
CA MET A 36 -12.25 12.33 17.95
C MET A 36 -10.83 11.92 18.32
N PHE A 37 -9.99 12.91 18.69
CA PHE A 37 -8.60 12.72 19.18
C PHE A 37 -8.61 11.90 20.47
N LEU A 38 -9.56 12.12 21.38
CA LEU A 38 -9.70 11.28 22.60
C LEU A 38 -9.93 9.83 22.17
N LEU A 39 -10.89 9.59 21.28
CA LEU A 39 -11.22 8.21 20.82
C LEU A 39 -10.03 7.59 20.08
N ALA A 40 -9.26 8.39 19.33
CA ALA A 40 -8.06 7.98 18.56
C ALA A 40 -6.97 7.49 19.51
N ALA A 41 -6.69 8.27 20.56
CA ALA A 41 -5.71 7.96 21.61
C ALA A 41 -6.05 6.63 22.30
N ALA A 42 -7.33 6.32 22.47
CA ALA A 42 -7.78 5.11 23.19
C ALA A 42 -7.90 3.92 22.23
N SER A 43 -7.95 4.16 20.92
CA SER A 43 -8.32 3.14 19.91
C SER A 43 -7.07 2.65 19.15
N PHE A 44 -6.07 3.53 18.96
CA PHE A 44 -4.82 3.24 18.21
C PHE A 44 -3.61 3.57 19.11
N THR A 45 -2.78 2.55 19.39
CA THR A 45 -1.63 2.68 20.33
C THR A 45 -0.54 3.55 19.71
N ASP A 46 -0.46 3.58 18.37
CA ASP A 46 0.59 4.31 17.59
C ASP A 46 0.19 5.78 17.41
N PHE A 47 -0.94 6.24 17.96
CA PHE A 47 -1.44 7.63 17.73
C PHE A 47 -0.34 8.63 18.06
N ILE A 48 -0.12 9.59 17.16
CA ILE A 48 1.05 10.51 17.10
C ILE A 48 0.65 11.88 17.71
N GLY A 49 -0.55 11.95 18.31
CA GLY A 49 -1.03 13.13 19.05
C GLY A 49 -1.68 14.16 18.11
N PRO A 50 -2.40 15.17 18.67
CA PRO A 50 -3.16 16.15 17.89
C PRO A 50 -2.37 17.06 16.93
N GLU A 51 -1.21 17.54 17.36
CA GLU A 51 -0.39 18.54 16.64
C GLU A 51 0.11 17.91 15.32
N SER A 52 0.38 16.60 15.34
CA SER A 52 0.85 15.80 14.18
C SER A 52 -0.34 15.40 13.28
N ALA A 53 -1.53 15.31 13.86
CA ALA A 53 -2.80 14.92 13.19
C ALA A 53 -3.35 16.09 12.36
N THR A 54 -2.93 17.32 12.64
CA THR A 54 -3.22 18.53 11.82
C THR A 54 -2.71 18.35 10.38
N ALA A 55 -1.54 17.75 10.21
CA ALA A 55 -0.91 17.49 8.91
C ALA A 55 -1.79 16.54 8.08
N TRP A 56 -2.17 15.39 8.63
CA TRP A 56 -2.98 14.37 7.93
C TRP A 56 -4.37 14.95 7.62
N ARG A 57 -4.94 15.73 8.53
CA ARG A 57 -6.25 16.41 8.39
C ARG A 57 -6.33 17.20 7.08
N THR A 58 -5.23 17.80 6.61
CA THR A 58 -5.19 18.55 5.33
C THR A 58 -5.59 17.63 4.17
N LEU A 59 -5.38 16.31 4.26
CA LEU A 59 -5.69 15.33 3.17
C LEU A 59 -7.15 14.87 3.25
N VAL A 60 -7.89 15.25 4.30
CA VAL A 60 -9.33 14.90 4.42
C VAL A 60 -10.16 15.99 3.72
N PRO A 61 -10.93 15.63 2.66
CA PRO A 61 -11.79 16.59 2.00
C PRO A 61 -12.98 16.97 2.88
N THR A 62 -13.54 18.18 2.66
CA THR A 62 -14.88 18.57 3.19
C THR A 62 -15.83 17.40 3.02
N ASP A 63 -16.51 16.96 4.06
CA ASP A 63 -17.48 15.85 3.96
C ASP A 63 -16.73 14.53 3.70
N GLY A 64 -15.44 14.47 4.06
CA GLY A 64 -14.65 13.23 4.07
C GLY A 64 -14.77 12.46 5.38
N ALA A 65 -15.30 13.06 6.46
CA ALA A 65 -15.36 12.44 7.80
C ALA A 65 -16.80 12.27 8.27
N VAL A 66 -17.07 11.15 8.95
CA VAL A 66 -18.33 10.91 9.72
C VAL A 66 -17.99 10.58 11.18
N VAL A 67 -18.77 11.16 12.12
CA VAL A 67 -18.77 10.86 13.58
C VAL A 67 -20.15 10.36 13.95
N VAL A 68 -20.23 9.51 14.98
CA VAL A 68 -21.48 9.12 15.69
C VAL A 68 -21.39 9.70 17.11
N ARG A 69 -22.36 10.51 17.52
CA ARG A 69 -22.49 11.01 18.92
C ARG A 69 -23.56 10.19 19.63
N ASP A 70 -23.47 10.07 20.95
CA ASP A 70 -24.48 9.35 21.79
C ASP A 70 -25.37 10.39 22.48
N GLY A 71 -26.53 10.70 21.87
CA GLY A 71 -27.53 11.64 22.40
C GLY A 71 -26.98 13.05 22.57
N SER A 76 -22.96 15.84 24.13
CA SER A 76 -22.59 14.40 24.17
C SER A 76 -21.26 14.18 23.43
N GLU A 77 -20.59 13.07 23.73
CA GLU A 77 -19.21 12.74 23.24
C GLU A 77 -19.29 11.84 21.98
N VAL A 78 -18.13 11.70 21.32
CA VAL A 78 -17.93 10.95 20.05
C VAL A 78 -17.67 9.49 20.40
N VAL A 79 -18.53 8.57 19.93
CA VAL A 79 -18.45 7.11 20.19
C VAL A 79 -18.09 6.36 18.90
N GLY A 80 -17.90 7.10 17.81
CA GLY A 80 -17.74 6.54 16.45
C GLY A 80 -17.17 7.56 15.48
N MET A 81 -16.27 7.12 14.61
CA MET A 81 -15.71 8.01 13.57
C MET A 81 -15.11 7.16 12.45
N ALA A 82 -15.07 7.72 11.25
CA ALA A 82 -14.41 7.15 10.06
C ALA A 82 -14.25 8.29 9.06
N LEU A 83 -13.19 8.27 8.26
CA LEU A 83 -12.98 9.30 7.22
C LEU A 83 -12.20 8.71 6.06
N TYR A 84 -12.17 9.43 4.94
CA TYR A 84 -11.31 9.09 3.79
C TYR A 84 -10.44 10.32 3.50
N MET A 85 -9.26 10.05 2.96
CA MET A 85 -8.29 11.06 2.49
C MET A 85 -8.22 10.97 0.97
N ASP A 86 -7.97 12.11 0.31
CA ASP A 86 -7.78 12.19 -1.15
C ASP A 86 -6.38 11.66 -1.48
N LEU A 87 -6.29 10.49 -2.11
CA LEU A 87 -5.01 9.87 -2.49
C LEU A 87 -4.96 9.68 -4.01
N ARG A 88 -3.76 9.52 -4.54
CA ARG A 88 -3.48 9.20 -5.96
C ARG A 88 -2.70 7.90 -5.98
N LEU A 89 -3.35 6.82 -6.42
CA LEU A 89 -2.77 5.46 -6.45
C LEU A 89 -2.32 5.18 -7.90
N THR A 90 -1.07 4.75 -8.07
CA THR A 90 -0.55 4.22 -9.36
C THR A 90 -0.99 2.77 -9.51
N VAL A 91 -1.53 2.40 -10.68
CA VAL A 91 -1.98 1.02 -10.98
C VAL A 91 -1.23 0.58 -12.23
N PRO A 92 -1.27 -0.71 -12.62
CA PRO A 92 -0.51 -1.20 -13.77
C PRO A 92 -0.78 -0.41 -15.06
N GLY A 93 0.28 -0.13 -15.82
CA GLY A 93 0.27 0.76 -17.00
C GLY A 93 0.66 2.18 -16.63
N GLU A 94 1.31 2.39 -15.47
CA GLU A 94 1.71 3.72 -14.95
C GLU A 94 0.53 4.69 -14.95
N VAL A 95 -0.67 4.20 -14.61
CA VAL A 95 -1.92 5.00 -14.60
C VAL A 95 -2.24 5.38 -13.15
N VAL A 96 -2.47 6.66 -12.89
CA VAL A 96 -2.72 7.21 -11.52
C VAL A 96 -4.23 7.44 -11.35
N LEU A 97 -4.86 6.71 -10.42
CA LEU A 97 -6.30 6.82 -10.06
C LEU A 97 -6.50 7.70 -8.83
N PRO A 98 -7.53 8.57 -8.80
CA PRO A 98 -7.97 9.17 -7.56
C PRO A 98 -8.46 8.02 -6.67
N THR A 99 -8.04 8.04 -5.41
CA THR A 99 -8.31 6.96 -4.43
C THR A 99 -8.79 7.58 -3.12
N ALA A 100 -9.94 7.14 -2.63
CA ALA A 100 -10.38 7.42 -1.26
C ALA A 100 -9.65 6.45 -0.33
N GLY A 101 -8.73 7.00 0.48
CA GLY A 101 -7.98 6.24 1.51
C GLY A 101 -8.71 6.25 2.83
N LEU A 102 -9.27 5.09 3.22
CA LEU A 102 -10.08 4.93 4.46
C LEU A 102 -9.13 4.84 5.64
N SER A 103 -9.42 5.56 6.72
CA SER A 103 -8.50 5.78 7.84
C SER A 103 -9.27 6.32 9.05
N PHE A 104 -8.69 6.17 10.24
CA PHE A 104 -9.14 6.81 11.50
C PHE A 104 -10.50 6.23 11.89
N VAL A 105 -10.75 4.99 11.50
CA VAL A 105 -12.01 4.23 11.83
C VAL A 105 -11.88 3.71 13.26
N ALA A 106 -12.92 3.93 14.06
CA ALA A 106 -12.90 3.64 15.51
C ALA A 106 -14.32 3.69 16.07
N VAL A 107 -14.65 2.65 16.81
CA VAL A 107 -15.91 2.55 17.60
C VAL A 107 -15.50 2.48 19.06
N ALA A 108 -16.10 3.31 19.91
CA ALA A 108 -15.84 3.34 21.37
C ALA A 108 -15.95 1.91 21.92
N PRO A 109 -15.10 1.53 22.91
CA PRO A 109 -15.20 0.21 23.53
C PRO A 109 -16.57 0.02 24.19
N THR A 110 -17.22 1.13 24.54
CA THR A 110 -18.55 1.22 25.19
C THR A 110 -19.72 0.97 24.22
N HIS A 111 -19.49 0.86 22.91
CA HIS A 111 -20.56 0.85 21.86
C HIS A 111 -20.30 -0.22 20.79
N ARG A 112 -19.57 -1.29 21.12
CA ARG A 112 -19.34 -2.46 20.23
C ARG A 112 -20.68 -3.13 19.91
N ARG A 113 -20.66 -4.10 18.99
CA ARG A 113 -21.81 -4.95 18.56
C ARG A 113 -23.09 -4.12 18.59
N ARG A 114 -23.11 -3.00 17.87
CA ARG A 114 -24.23 -2.04 17.79
C ARG A 114 -24.42 -1.52 16.36
N GLY A 115 -23.70 -2.10 15.38
CA GLY A 115 -23.79 -1.80 13.93
C GLY A 115 -23.39 -0.37 13.61
N LEU A 116 -22.47 0.23 14.37
CA LEU A 116 -21.97 1.61 14.15
C LEU A 116 -20.95 1.63 13.01
N LEU A 117 -20.10 0.61 12.91
CA LEU A 117 -19.12 0.46 11.81
C LEU A 117 -19.90 0.31 10.48
N ARG A 118 -20.80 -0.68 10.41
CA ARG A 118 -21.65 -0.93 9.22
C ARG A 118 -22.29 0.40 8.77
N ALA A 119 -22.90 1.15 9.68
CA ALA A 119 -23.58 2.44 9.40
C ALA A 119 -22.59 3.48 8.86
N MET A 120 -21.40 3.58 9.46
CA MET A 120 -20.37 4.60 9.09
C MET A 120 -19.74 4.27 7.73
N CYS A 121 -19.41 2.99 7.51
CA CYS A 121 -18.76 2.51 6.26
C CYS A 121 -19.73 2.73 5.10
N ALA A 122 -21.01 2.39 5.29
CA ALA A 122 -22.11 2.59 4.31
C ALA A 122 -22.19 4.07 3.92
N GLU A 123 -22.13 4.97 4.89
CA GLU A 123 -22.29 6.41 4.62
C GLU A 123 -21.08 6.90 3.83
N LEU A 124 -19.87 6.50 4.22
CA LEU A 124 -18.63 6.94 3.53
C LEU A 124 -18.62 6.40 2.10
N HIS A 125 -18.98 5.13 1.91
CA HIS A 125 -18.99 4.47 0.58
C HIS A 125 -19.98 5.18 -0.35
N ARG A 126 -21.17 5.52 0.15
CA ARG A 126 -22.15 6.41 -0.55
C ARG A 126 -21.40 7.66 -1.05
N ARG A 127 -20.75 8.39 -0.14
CA ARG A 127 -20.06 9.68 -0.43
C ARG A 127 -18.90 9.48 -1.38
N ILE A 128 -18.11 8.42 -1.16
CA ILE A 128 -16.92 8.07 -2.00
C ILE A 128 -17.43 7.81 -3.43
N ALA A 129 -18.49 7.00 -3.58
CA ALA A 129 -19.13 6.63 -4.87
C ALA A 129 -19.64 7.88 -5.60
N ASP A 130 -20.40 8.72 -4.91
CA ASP A 130 -21.09 9.92 -5.46
C ASP A 130 -20.08 11.04 -5.77
N SER A 131 -18.87 10.97 -5.22
CA SER A 131 -17.77 11.95 -5.48
C SER A 131 -16.99 11.56 -6.75
N GLY A 132 -17.12 10.32 -7.23
CA GLY A 132 -16.49 9.87 -8.49
C GLY A 132 -15.12 9.24 -8.29
N TYR A 133 -14.85 8.69 -7.11
CA TYR A 133 -13.67 7.82 -6.86
C TYR A 133 -13.98 6.46 -7.46
N PRO A 134 -13.14 5.93 -8.38
CA PRO A 134 -13.31 4.57 -8.87
C PRO A 134 -12.87 3.50 -7.87
N VAL A 135 -11.95 3.84 -6.95
CA VAL A 135 -11.46 2.89 -5.90
C VAL A 135 -11.30 3.61 -4.57
N ALA A 136 -11.51 2.84 -3.49
CA ALA A 136 -11.10 3.16 -2.11
C ALA A 136 -10.05 2.14 -1.69
N ALA A 137 -9.18 2.55 -0.76
CA ALA A 137 -8.09 1.73 -0.20
C ALA A 137 -7.93 1.98 1.29
N LEU A 138 -7.44 0.97 2.00
CA LEU A 138 -7.12 1.08 3.44
C LEU A 138 -6.00 0.10 3.77
N HIS A 139 -5.34 0.33 4.90
CA HIS A 139 -4.49 -0.62 5.67
C HIS A 139 -5.33 -1.19 6.83
N ALA A 140 -5.40 -2.51 6.94
CA ALA A 140 -6.22 -3.24 7.93
C ALA A 140 -5.46 -3.41 9.25
N SER A 141 -6.11 -3.07 10.38
CA SER A 141 -5.64 -3.39 11.75
C SER A 141 -5.83 -4.90 12.02
N GLU A 142 -6.89 -5.52 11.49
CA GLU A 142 -7.12 -6.99 11.53
C GLU A 142 -7.51 -7.49 10.12
N GLY A 143 -7.17 -8.74 9.78
CA GLY A 143 -7.37 -9.30 8.43
C GLY A 143 -8.76 -9.89 8.20
N GLY A 144 -9.71 -9.71 9.14
CA GLY A 144 -11.01 -10.43 9.16
C GLY A 144 -12.23 -9.51 9.12
N ILE A 145 -12.01 -8.19 9.14
CA ILE A 145 -13.07 -7.16 9.27
C ILE A 145 -13.58 -6.71 7.88
N TYR A 146 -12.71 -6.56 6.88
CA TYR A 146 -12.91 -5.61 5.75
C TYR A 146 -13.38 -6.34 4.47
N GLY A 147 -13.22 -7.66 4.38
CA GLY A 147 -13.75 -8.48 3.28
C GLY A 147 -15.24 -8.28 3.09
N ARG A 148 -16.01 -8.22 4.18
CA ARG A 148 -17.49 -8.12 4.14
C ARG A 148 -17.92 -6.74 3.60
N PHE A 149 -17.08 -5.71 3.70
CA PHE A 149 -17.35 -4.34 3.19
C PHE A 149 -16.78 -4.16 1.77
N GLY A 150 -16.28 -5.22 1.12
CA GLY A 150 -15.86 -5.23 -0.29
C GLY A 150 -14.38 -4.99 -0.53
N TYR A 151 -13.55 -4.96 0.51
CA TYR A 151 -12.09 -4.69 0.41
C TYR A 151 -11.34 -6.02 0.28
N GLY A 152 -10.43 -6.10 -0.70
CA GLY A 152 -9.56 -7.27 -0.91
C GLY A 152 -8.11 -6.87 -0.69
N PRO A 153 -7.30 -7.74 -0.06
CA PRO A 153 -5.87 -7.48 0.09
C PRO A 153 -5.22 -7.47 -1.31
N ALA A 154 -4.52 -6.41 -1.66
CA ALA A 154 -4.10 -6.10 -3.05
C ALA A 154 -2.57 -6.13 -3.19
N THR A 155 -1.82 -5.87 -2.10
CA THR A 155 -0.33 -5.91 -2.03
C THR A 155 0.12 -6.73 -0.83
N THR A 156 1.32 -7.33 -0.93
CA THR A 156 1.93 -8.19 0.11
C THR A 156 3.19 -7.52 0.66
N LEU A 157 3.22 -7.31 1.97
CA LEU A 157 4.41 -6.90 2.76
C LEU A 157 5.24 -8.14 3.06
N HIS A 158 6.54 -7.96 3.12
CA HIS A 158 7.57 -9.03 3.13
C HIS A 158 8.77 -8.49 3.90
N GLU A 159 8.94 -8.88 5.17
CA GLU A 159 10.17 -8.53 5.93
C GLU A 159 11.30 -9.47 5.49
N LEU A 160 12.39 -8.91 4.98
CA LEU A 160 13.69 -9.61 4.81
C LEU A 160 14.62 -9.15 5.94
N THR A 161 15.29 -10.10 6.57
CA THR A 161 16.37 -9.89 7.56
C THR A 161 17.65 -10.46 6.99
N VAL A 162 18.68 -9.63 6.77
CA VAL A 162 19.99 -10.10 6.27
C VAL A 162 20.94 -10.24 7.46
N ASP A 163 21.47 -11.43 7.73
CA ASP A 163 22.68 -11.58 8.59
C ASP A 163 23.86 -11.09 7.75
N ARG A 164 24.25 -9.83 7.92
CA ARG A 164 25.18 -9.11 7.01
C ARG A 164 26.63 -9.48 7.27
N ARG A 165 26.92 -10.25 8.31
CA ARG A 165 28.28 -10.77 8.62
C ARG A 165 28.70 -11.77 7.54
N PHE A 166 27.79 -12.58 7.01
CA PHE A 166 28.06 -13.63 5.99
C PHE A 166 27.80 -13.13 4.57
N ALA A 167 27.17 -11.96 4.42
CA ALA A 167 26.72 -11.40 3.13
C ALA A 167 27.93 -11.01 2.28
N ARG A 168 28.13 -11.74 1.16
CA ARG A 168 29.05 -11.39 0.06
C ARG A 168 28.20 -11.21 -1.21
N PHE A 169 28.44 -10.15 -1.99
CA PHE A 169 27.77 -9.92 -3.29
C PHE A 169 28.35 -10.85 -4.36
N HIS A 170 27.46 -11.30 -5.24
CA HIS A 170 27.72 -12.14 -6.43
C HIS A 170 28.61 -11.38 -7.41
N ALA A 171 29.43 -12.10 -8.18
CA ALA A 171 30.29 -11.55 -9.25
C ALA A 171 29.43 -10.70 -10.21
N ASP A 172 28.23 -11.19 -10.55
CA ASP A 172 27.31 -10.61 -11.56
C ASP A 172 26.71 -9.27 -11.06
N ALA A 173 26.73 -8.98 -9.76
CA ALA A 173 26.05 -7.83 -9.13
C ALA A 173 26.64 -6.51 -9.63
N PRO A 174 25.81 -5.48 -9.93
CA PRO A 174 26.32 -4.17 -10.37
C PRO A 174 27.07 -3.35 -9.30
N GLY A 175 28.02 -2.52 -9.75
CA GLY A 175 28.75 -1.55 -8.91
C GLY A 175 29.72 -2.22 -7.94
N GLY A 176 30.37 -3.30 -8.37
CA GLY A 176 31.37 -4.05 -7.57
C GLY A 176 32.78 -3.86 -8.11
N GLY A 177 33.00 -2.82 -8.92
CA GLY A 177 34.29 -2.47 -9.54
C GLY A 177 34.99 -1.36 -8.79
N LEU A 178 36.28 -1.11 -9.11
CA LEU A 178 37.16 -0.13 -8.44
C LEU A 178 36.64 1.30 -8.68
N GLY A 179 37.38 2.30 -8.20
CA GLY A 179 36.97 3.73 -8.22
C GLY A 179 36.01 4.02 -7.09
N GLY A 180 35.37 5.20 -7.11
CA GLY A 180 34.54 5.73 -6.01
C GLY A 180 33.18 5.04 -5.88
N SER A 181 32.55 5.14 -4.71
CA SER A 181 31.12 4.84 -4.49
C SER A 181 30.30 6.07 -4.86
N SER A 182 29.08 5.86 -5.36
CA SER A 182 28.10 6.92 -5.73
C SER A 182 27.14 7.19 -4.56
N VAL A 183 27.11 6.29 -3.55
CA VAL A 183 26.21 6.40 -2.36
C VAL A 183 26.92 7.27 -1.31
N ARG A 184 26.18 8.20 -0.70
CA ARG A 184 26.65 9.08 0.39
C ARG A 184 25.87 8.74 1.66
N LEU A 185 26.49 8.87 2.83
CA LEU A 185 25.80 8.84 4.15
C LEU A 185 25.47 10.28 4.55
N VAL A 186 24.20 10.59 4.86
CA VAL A 186 23.75 12.00 5.05
C VAL A 186 22.68 12.07 6.13
N ARG A 187 22.50 13.28 6.70
CA ARG A 187 21.36 13.66 7.57
C ARG A 187 20.13 13.76 6.66
N PRO A 188 19.02 13.04 6.95
CA PRO A 188 17.83 13.12 6.12
C PRO A 188 17.33 14.54 5.86
N THR A 189 17.36 15.39 6.89
CA THR A 189 16.73 16.73 6.93
C THR A 189 17.39 17.69 5.94
N GLU A 190 18.62 17.41 5.53
CA GLU A 190 19.43 18.32 4.66
C GLU A 190 19.40 17.85 3.19
N HIS A 191 18.56 16.88 2.86
CA HIS A 191 18.45 16.32 1.48
C HIS A 191 16.99 15.93 1.20
N ARG A 192 16.06 16.74 1.70
CA ARG A 192 14.60 16.54 1.54
C ARG A 192 14.26 16.61 0.04
N GLY A 193 14.72 17.65 -0.67
CA GLY A 193 14.49 17.84 -2.10
C GLY A 193 14.88 16.63 -2.94
N GLU A 194 16.03 16.02 -2.65
CA GLU A 194 16.54 14.86 -3.43
C GLU A 194 15.66 13.63 -3.17
N PHE A 195 15.20 13.43 -1.92
CA PHE A 195 14.34 12.28 -1.54
C PHE A 195 12.99 12.41 -2.24
N GLU A 196 12.38 13.60 -2.16
CA GLU A 196 11.11 13.95 -2.86
C GLU A 196 11.24 13.58 -4.35
N ALA A 197 12.22 14.17 -5.04
CA ALA A 197 12.50 13.94 -6.47
C ALA A 197 12.53 12.44 -6.75
N ILE A 198 13.25 11.65 -5.94
CA ILE A 198 13.44 10.20 -6.19
C ILE A 198 12.10 9.50 -5.96
N TYR A 199 11.42 9.79 -4.84
CA TYR A 199 10.12 9.17 -4.48
C TYR A 199 9.09 9.49 -5.57
N GLU A 200 9.08 10.73 -6.06
CA GLU A 200 8.13 11.19 -7.11
C GLU A 200 8.35 10.36 -8.38
N ARG A 201 9.60 10.14 -8.77
CA ARG A 201 9.92 9.27 -9.94
C ARG A 201 9.44 7.85 -9.66
N TRP A 202 9.62 7.39 -8.42
CA TRP A 202 9.37 5.99 -8.01
C TRP A 202 7.88 5.68 -8.06
N ARG A 203 7.04 6.55 -7.48
CA ARG A 203 5.60 6.32 -7.20
C ARG A 203 4.81 6.34 -8.52
N GLN A 204 5.27 7.15 -9.48
CA GLN A 204 4.69 7.29 -10.85
C GLN A 204 4.90 6.03 -11.69
N GLN A 205 5.91 5.22 -11.39
CA GLN A 205 6.29 4.08 -12.27
C GLN A 205 6.04 2.73 -11.57
N VAL A 206 5.49 2.70 -10.36
CA VAL A 206 5.33 1.43 -9.59
C VAL A 206 3.88 1.29 -9.13
N PRO A 207 3.20 0.19 -9.51
CA PRO A 207 1.88 -0.14 -8.96
C PRO A 207 1.89 -0.23 -7.42
N GLY A 208 0.93 0.45 -6.78
CA GLY A 208 0.87 0.61 -5.33
C GLY A 208 1.44 1.95 -4.89
N GLY A 209 2.12 2.66 -5.80
CA GLY A 209 2.73 3.97 -5.50
C GLY A 209 1.67 4.97 -5.09
N LEU A 210 1.96 5.82 -4.11
CA LEU A 210 1.06 6.92 -3.70
C LEU A 210 1.84 8.23 -3.74
N LEU A 211 1.19 9.28 -4.26
CA LEU A 211 1.67 10.67 -4.15
C LEU A 211 1.84 10.95 -2.66
N ARG A 212 3.03 11.37 -2.24
CA ARG A 212 3.30 11.78 -0.84
C ARG A 212 3.30 13.30 -0.80
N PRO A 213 2.23 13.96 -0.31
CA PRO A 213 2.18 15.42 -0.26
C PRO A 213 3.18 16.06 0.73
N GLN A 214 3.39 17.38 0.62
CA GLN A 214 4.37 18.14 1.43
C GLN A 214 4.23 17.78 2.91
N VAL A 215 3.02 17.83 3.46
CA VAL A 215 2.78 17.68 4.92
C VAL A 215 3.27 16.32 5.41
N LEU A 216 3.27 15.29 4.56
CA LEU A 216 3.72 13.93 4.96
C LEU A 216 5.25 13.81 4.90
N TRP A 217 5.91 14.64 4.08
CA TRP A 217 7.38 14.82 4.09
C TRP A 217 7.80 15.59 5.36
N ASP A 218 7.05 16.62 5.77
CA ASP A 218 7.26 17.31 7.06
C ASP A 218 7.22 16.25 8.18
N GLU A 219 6.14 15.46 8.22
CA GLU A 219 5.92 14.41 9.24
C GLU A 219 7.09 13.42 9.20
N LEU A 220 7.45 12.92 8.02
CA LEU A 220 8.45 11.82 7.87
C LEU A 220 9.81 12.26 8.44
N LEU A 221 10.20 13.52 8.24
CA LEU A 221 11.54 14.03 8.63
C LEU A 221 11.58 14.44 10.11
N ALA A 222 10.42 14.71 10.72
CA ALA A 222 10.29 15.00 12.17
C ALA A 222 10.50 13.71 12.97
N GLU A 223 10.24 12.55 12.36
CA GLU A 223 10.44 11.21 12.96
C GLU A 223 11.85 10.69 12.62
N ALA A 224 12.64 11.43 11.87
CA ALA A 224 14.04 11.08 11.51
C ALA A 224 14.93 11.35 12.72
N LYS A 225 14.62 12.38 13.52
CA LYS A 225 15.45 12.81 14.68
C LYS A 225 15.16 11.88 15.88
N ALA A 226 16.12 11.76 16.80
CA ALA A 226 16.08 10.89 18.00
C ALA A 226 15.09 11.47 19.01
N ALA A 227 14.24 10.61 19.58
CA ALA A 227 13.26 10.95 20.63
C ALA A 227 13.84 10.59 22.00
N PRO A 228 13.70 11.46 23.03
CA PRO A 228 14.19 11.12 24.38
C PRO A 228 13.50 9.85 24.90
N GLY A 229 14.27 8.77 25.08
CA GLY A 229 13.75 7.45 25.51
C GLY A 229 12.78 6.86 24.52
N GLY A 230 12.94 7.19 23.22
CA GLY A 230 12.16 6.65 22.10
C GLY A 230 13.06 6.04 21.03
N ASP A 231 12.80 6.36 19.76
CA ASP A 231 13.58 5.87 18.59
C ASP A 231 14.90 6.64 18.51
N ARG A 232 15.92 6.04 17.88
CA ARG A 232 17.27 6.63 17.69
C ARG A 232 17.27 7.52 16.44
N GLU A 233 18.34 8.30 16.25
CA GLU A 233 18.57 9.14 15.04
C GLU A 233 18.45 8.23 13.80
N SER A 234 17.75 8.70 12.76
CA SER A 234 17.68 8.06 11.42
C SER A 234 18.78 8.62 10.53
N PHE A 235 19.48 7.73 9.83
CA PHE A 235 20.46 8.10 8.78
C PHE A 235 19.88 7.75 7.43
N ALA A 236 20.50 8.32 6.39
CA ALA A 236 20.11 8.18 4.98
C ALA A 236 21.34 7.73 4.19
N LEU A 237 21.14 6.80 3.27
CA LEU A 237 22.08 6.51 2.16
C LEU A 237 21.45 7.08 0.89
N LEU A 238 22.18 7.97 0.21
CA LEU A 238 21.67 8.80 -0.92
C LEU A 238 22.47 8.46 -2.17
N HIS A 239 21.76 8.07 -3.23
CA HIS A 239 22.27 7.81 -4.60
C HIS A 239 21.53 8.76 -5.52
N PRO A 240 22.08 9.11 -6.72
CA PRO A 240 21.33 9.91 -7.69
C PRO A 240 19.91 9.39 -7.99
N ASP A 241 19.72 8.06 -7.92
CA ASP A 241 18.49 7.33 -8.36
C ASP A 241 17.95 6.46 -7.23
N GLY A 242 18.17 6.82 -5.98
CA GLY A 242 17.75 5.98 -4.84
C GLY A 242 18.08 6.58 -3.49
N TYR A 243 17.36 6.18 -2.46
CA TYR A 243 17.69 6.50 -1.04
C TYR A 243 17.19 5.37 -0.14
N ALA A 244 17.82 5.22 1.02
CA ALA A 244 17.44 4.30 2.10
C ALA A 244 17.46 5.13 3.40
N LEU A 245 16.37 5.11 4.15
CA LEU A 245 16.34 5.63 5.54
C LEU A 245 16.38 4.43 6.47
N TYR A 246 17.30 4.45 7.44
CA TYR A 246 17.48 3.39 8.43
C TYR A 246 17.78 4.03 9.78
N ARG A 247 17.54 3.27 10.84
CA ARG A 247 17.88 3.61 12.24
C ARG A 247 18.20 2.29 12.95
N VAL A 248 19.09 2.33 13.94
CA VAL A 248 19.34 1.17 14.84
C VAL A 248 18.10 0.99 15.73
N ASP A 249 17.74 -0.26 16.00
CA ASP A 249 16.55 -0.63 16.82
C ASP A 249 16.71 -0.04 18.23
N ARG A 250 15.60 0.32 18.88
CA ARG A 250 15.59 0.83 20.28
C ARG A 250 16.39 -0.11 21.18
N THR A 251 15.95 -1.38 21.27
CA THR A 251 16.40 -2.37 22.28
C THR A 251 17.55 -3.20 21.71
N ASP A 252 17.40 -3.75 20.50
CA ASP A 252 18.43 -4.61 19.82
C ASP A 252 19.40 -3.69 19.08
N LEU A 253 20.61 -3.50 19.62
CA LEU A 253 21.59 -2.51 19.10
C LEU A 253 22.47 -3.14 18.01
N LYS A 254 22.21 -4.39 17.62
CA LYS A 254 22.93 -5.08 16.51
C LYS A 254 22.01 -5.18 15.28
N LEU A 255 20.83 -4.56 15.32
CA LEU A 255 19.82 -4.57 14.23
C LEU A 255 19.60 -3.15 13.68
N ALA A 256 19.77 -2.97 12.36
CA ALA A 256 19.39 -1.74 11.62
C ALA A 256 18.04 -2.00 10.96
N ARG A 257 17.06 -1.15 11.24
CA ARG A 257 15.74 -1.22 10.59
C ARG A 257 15.76 -0.23 9.43
N VAL A 258 15.67 -0.74 8.19
CA VAL A 258 15.47 0.10 6.98
C VAL A 258 14.00 0.46 6.91
N SER A 259 13.64 1.70 7.28
CA SER A 259 12.22 2.16 7.34
C SER A 259 11.65 2.29 5.93
N GLU A 260 12.50 2.60 4.94
CA GLU A 260 12.10 3.05 3.59
C GLU A 260 13.31 3.03 2.64
N LEU A 261 13.30 2.18 1.62
CA LEU A 261 14.29 2.18 0.52
C LEU A 261 13.56 2.36 -0.82
N ARG A 262 13.82 3.46 -1.51
CA ARG A 262 13.26 3.78 -2.85
C ARG A 262 14.40 3.86 -3.85
N ALA A 263 14.40 2.94 -4.81
CA ALA A 263 15.38 2.85 -5.92
C ALA A 263 14.61 2.86 -7.24
N VAL A 264 15.06 3.68 -8.17
CA VAL A 264 14.44 3.89 -9.51
C VAL A 264 15.14 3.01 -10.55
N THR A 265 16.41 2.66 -10.34
CA THR A 265 17.25 1.84 -11.26
C THR A 265 17.85 0.69 -10.44
N ALA A 266 18.18 -0.43 -11.09
CA ALA A 266 18.78 -1.62 -10.44
C ALA A 266 20.14 -1.22 -9.83
N ASP A 267 20.87 -0.31 -10.49
CA ASP A 267 22.18 0.21 -10.02
C ASP A 267 22.00 0.82 -8.64
N ALA A 268 21.03 1.72 -8.48
CA ALA A 268 20.72 2.43 -7.22
C ALA A 268 20.38 1.41 -6.13
N HIS A 269 19.52 0.44 -6.44
CA HIS A 269 19.07 -0.63 -5.53
C HIS A 269 20.30 -1.36 -5.01
N CYS A 270 21.16 -1.85 -5.92
CA CYS A 270 22.34 -2.66 -5.56
C CYS A 270 23.32 -1.82 -4.72
N ALA A 271 23.66 -0.62 -5.21
CA ALA A 271 24.61 0.33 -4.57
C ALA A 271 24.18 0.56 -3.14
N LEU A 272 22.89 0.81 -2.93
CA LEU A 272 22.31 1.08 -1.58
C LEU A 272 22.50 -0.15 -0.67
N TRP A 273 22.39 -1.36 -1.20
CA TRP A 273 22.51 -2.59 -0.37
C TRP A 273 23.98 -2.88 -0.05
N ARG A 274 24.91 -2.59 -0.98
CA ARG A 274 26.37 -2.63 -0.70
C ARG A 274 26.66 -1.72 0.50
N ALA A 275 26.10 -0.51 0.51
CA ALA A 275 26.26 0.45 1.62
C ALA A 275 25.66 -0.11 2.91
N LEU A 276 24.43 -0.63 2.88
CA LEU A 276 23.73 -1.22 4.06
C LEU A 276 24.50 -2.44 4.61
N ILE A 277 24.97 -3.33 3.73
CA ILE A 277 25.76 -4.53 4.13
C ILE A 277 27.11 -4.07 4.70
N GLY A 278 27.53 -2.85 4.36
CA GLY A 278 28.75 -2.22 4.91
C GLY A 278 28.59 -1.66 6.32
N LEU A 279 27.40 -1.74 6.94
CA LEU A 279 27.22 -1.29 8.35
C LEU A 279 27.84 -2.35 9.26
N ASP A 280 29.16 -2.26 9.47
CA ASP A 280 29.99 -3.35 10.04
C ASP A 280 29.74 -3.51 11.55
N SER A 281 29.08 -2.55 12.21
CA SER A 281 28.70 -2.61 13.65
C SER A 281 27.35 -3.32 13.87
N MET A 282 26.62 -3.67 12.80
CA MET A 282 25.31 -4.38 12.86
C MET A 282 25.52 -5.85 12.51
N GLU A 283 24.71 -6.73 13.09
CA GLU A 283 24.67 -8.19 12.77
C GLU A 283 23.58 -8.46 11.71
N ARG A 284 22.49 -7.70 11.77
CA ARG A 284 21.24 -7.90 10.99
C ARG A 284 20.74 -6.55 10.45
N ILE A 285 20.47 -6.49 9.15
CA ILE A 285 19.67 -5.42 8.46
C ILE A 285 18.28 -6.01 8.16
N SER A 286 17.21 -5.35 8.59
CA SER A 286 15.81 -5.78 8.33
C SER A 286 15.12 -4.70 7.50
N ILE A 287 14.20 -5.11 6.63
CA ILE A 287 13.40 -4.18 5.78
C ILE A 287 12.06 -4.83 5.47
N ILE A 288 11.00 -4.01 5.42
CA ILE A 288 9.67 -4.43 4.90
C ILE A 288 9.63 -4.01 3.44
N THR A 289 9.61 -5.03 2.56
CA THR A 289 9.73 -4.89 1.10
C THR A 289 8.63 -5.77 0.48
N HIS A 290 8.76 -6.14 -0.79
CA HIS A 290 7.72 -6.85 -1.56
C HIS A 290 8.25 -8.22 -1.95
N PRO A 291 7.37 -9.19 -2.29
CA PRO A 291 7.81 -10.55 -2.59
C PRO A 291 8.84 -10.65 -3.72
N GLN A 292 8.89 -9.70 -4.65
CA GLN A 292 9.77 -9.79 -5.84
C GLN A 292 11.04 -8.96 -5.62
N ASP A 293 11.35 -8.54 -4.38
CA ASP A 293 12.61 -7.79 -4.09
C ASP A 293 13.77 -8.63 -4.60
N PRO A 294 14.63 -8.08 -5.49
CA PRO A 294 15.76 -8.84 -6.03
C PRO A 294 16.94 -9.06 -5.07
N LEU A 295 16.89 -8.53 -3.84
CA LEU A 295 18.04 -8.58 -2.89
C LEU A 295 18.56 -10.00 -2.73
N PRO A 296 17.72 -11.03 -2.50
CA PRO A 296 18.24 -12.38 -2.31
C PRO A 296 19.20 -12.82 -3.43
N HIS A 297 18.96 -12.34 -4.66
CA HIS A 297 19.72 -12.75 -5.88
C HIS A 297 21.00 -11.91 -6.04
N LEU A 298 21.12 -10.80 -5.31
CA LEU A 298 22.37 -9.99 -5.27
C LEU A 298 23.47 -10.74 -4.49
N LEU A 299 23.13 -11.69 -3.63
CA LEU A 299 24.10 -12.35 -2.72
C LEU A 299 24.52 -13.68 -3.33
N THR A 300 25.70 -14.16 -2.94
CA THR A 300 26.23 -15.49 -3.34
C THR A 300 25.41 -16.57 -2.63
N ASP A 301 24.75 -16.20 -1.53
CA ASP A 301 23.89 -17.09 -0.71
C ASP A 301 22.50 -16.44 -0.58
N THR A 302 21.54 -16.89 -1.40
CA THR A 302 20.14 -16.38 -1.40
C THR A 302 19.57 -16.48 0.02
N ARG A 303 19.92 -17.52 0.76
CA ARG A 303 19.27 -17.90 2.05
C ARG A 303 19.60 -16.90 3.15
N LEU A 304 20.66 -16.10 2.98
CA LEU A 304 21.12 -15.10 3.98
C LEU A 304 20.06 -14.01 4.14
N ALA A 305 19.23 -13.77 3.13
CA ALA A 305 18.10 -12.80 3.19
C ALA A 305 16.80 -13.55 3.58
N ARG A 306 16.65 -13.90 4.86
CA ARG A 306 15.51 -14.71 5.36
C ARG A 306 14.23 -13.85 5.32
N THR A 307 13.11 -14.46 4.95
CA THR A 307 11.75 -13.90 5.11
C THR A 307 11.30 -14.22 6.54
N THR A 308 11.28 -13.20 7.40
CA THR A 308 10.98 -13.30 8.85
C THR A 308 9.49 -13.07 9.11
N TRP A 309 8.77 -12.46 8.17
CA TRP A 309 7.41 -11.89 8.37
C TRP A 309 6.74 -11.58 7.02
N ARG A 310 5.44 -11.85 6.91
CA ARG A 310 4.67 -11.65 5.65
C ARG A 310 3.23 -11.32 6.01
N GLN A 311 2.67 -10.27 5.40
CA GLN A 311 1.32 -9.78 5.76
C GLN A 311 0.72 -8.99 4.60
N ASP A 312 -0.60 -8.96 4.54
CA ASP A 312 -1.41 -8.12 3.61
C ASP A 312 -0.96 -6.67 3.79
N GLY A 313 -0.72 -5.94 2.69
CA GLY A 313 -0.40 -4.50 2.72
C GLY A 313 -1.65 -3.67 2.47
N LEU A 314 -1.70 -2.98 1.32
CA LEU A 314 -2.85 -2.15 0.88
C LEU A 314 -4.04 -3.04 0.53
N TRP A 315 -5.25 -2.64 0.92
CA TRP A 315 -6.53 -3.31 0.57
C TRP A 315 -7.31 -2.40 -0.39
N LEU A 316 -7.94 -2.99 -1.42
CA LEU A 316 -8.72 -2.23 -2.43
C LEU A 316 -10.20 -2.61 -2.39
N ARG A 317 -11.06 -1.60 -2.37
CA ARG A 317 -12.50 -1.71 -2.76
C ARG A 317 -12.67 -1.01 -4.12
N ILE A 318 -12.93 -1.78 -5.16
CA ILE A 318 -13.34 -1.29 -6.51
C ILE A 318 -14.73 -0.68 -6.36
N MET A 319 -14.84 0.65 -6.44
CA MET A 319 -16.12 1.36 -6.23
C MET A 319 -16.96 1.27 -7.50
N ASN A 320 -16.31 1.39 -8.66
CA ASN A 320 -16.92 1.38 -10.01
C ASN A 320 -16.15 0.39 -10.89
N VAL A 321 -16.72 -0.79 -11.12
CA VAL A 321 -16.05 -1.93 -11.77
C VAL A 321 -15.64 -1.53 -13.19
N PRO A 322 -16.55 -1.00 -14.05
CA PRO A 322 -16.16 -0.70 -15.42
C PRO A 322 -15.07 0.38 -15.46
N ALA A 323 -15.17 1.41 -14.62
CA ALA A 323 -14.25 2.58 -14.60
C ALA A 323 -12.85 2.11 -14.21
N ALA A 324 -12.74 1.21 -13.23
CA ALA A 324 -11.46 0.66 -12.74
C ALA A 324 -10.88 -0.31 -13.77
N LEU A 325 -11.65 -1.29 -14.21
CA LEU A 325 -11.13 -2.31 -15.17
C LEU A 325 -10.64 -1.62 -16.44
N GLU A 326 -11.27 -0.53 -16.86
CA GLU A 326 -10.94 0.17 -18.13
C GLU A 326 -9.67 1.00 -17.95
N ALA A 327 -9.42 1.51 -16.75
CA ALA A 327 -8.37 2.52 -16.47
C ALA A 327 -6.97 1.88 -16.43
N ARG A 328 -6.82 0.62 -16.03
CA ARG A 328 -5.48 0.00 -15.84
C ARG A 328 -5.04 -0.64 -17.16
N GLY A 329 -3.71 -0.79 -17.34
CA GLY A 329 -3.10 -1.52 -18.46
C GLY A 329 -3.12 -3.02 -18.19
N TYR A 330 -3.07 -3.83 -19.25
CA TYR A 330 -2.99 -5.31 -19.18
C TYR A 330 -1.76 -5.79 -19.95
N ALA A 331 -1.32 -7.01 -19.68
CA ALA A 331 -0.19 -7.66 -20.37
C ALA A 331 -0.46 -7.63 -21.88
N HIS A 332 0.52 -7.16 -22.66
CA HIS A 332 0.51 -7.22 -24.15
C HIS A 332 0.70 -8.67 -24.62
N GLU A 333 1.22 -9.55 -23.76
CA GLU A 333 1.67 -10.92 -24.14
C GLU A 333 0.46 -11.79 -24.46
N VAL A 334 -0.59 -11.75 -23.63
CA VAL A 334 -1.86 -12.50 -23.87
C VAL A 334 -2.57 -11.88 -25.09
N GLY A 335 -3.16 -12.73 -25.94
CA GLY A 335 -3.91 -12.28 -27.14
C GLY A 335 -5.27 -11.75 -26.76
N GLU A 336 -5.98 -11.13 -27.71
CA GLU A 336 -7.35 -10.59 -27.52
C GLU A 336 -8.28 -11.74 -27.08
N PHE A 337 -9.19 -11.46 -26.15
CA PHE A 337 -10.19 -12.42 -25.61
C PHE A 337 -11.33 -11.64 -24.94
N SER A 338 -12.53 -12.24 -24.91
CA SER A 338 -13.79 -11.66 -24.37
C SER A 338 -14.41 -12.63 -23.39
N THR A 339 -15.08 -12.11 -22.37
CA THR A 339 -15.82 -12.91 -21.36
C THR A 339 -16.89 -12.03 -20.72
N VAL A 340 -17.76 -12.66 -19.93
CA VAL A 340 -18.76 -11.95 -19.09
C VAL A 340 -18.37 -12.17 -17.63
N LEU A 341 -18.04 -11.08 -16.96
CA LEU A 341 -17.72 -11.04 -15.51
C LEU A 341 -18.96 -10.59 -14.74
N GLU A 342 -19.41 -11.41 -13.79
CA GLU A 342 -20.39 -11.01 -12.74
C GLU A 342 -19.61 -10.73 -11.43
N VAL A 343 -19.74 -9.52 -10.90
CA VAL A 343 -19.42 -9.18 -9.49
C VAL A 343 -20.72 -9.30 -8.69
N SER A 344 -20.77 -10.09 -7.63
CA SER A 344 -21.92 -10.22 -6.70
C SER A 344 -22.41 -8.83 -6.25
N ASP A 345 -23.65 -8.48 -6.59
CA ASP A 345 -24.31 -7.20 -6.19
C ASP A 345 -23.45 -6.01 -6.65
N GLY A 346 -22.67 -6.16 -7.72
CA GLY A 346 -21.81 -5.10 -8.28
C GLY A 346 -21.92 -4.98 -9.79
N GLY A 347 -22.81 -5.78 -10.42
CA GLY A 347 -23.14 -5.71 -11.86
C GLY A 347 -22.55 -6.85 -12.68
N ARG A 348 -23.05 -7.04 -13.89
CA ARG A 348 -22.49 -7.98 -14.87
C ARG A 348 -22.03 -7.23 -16.12
N PHE A 349 -20.90 -7.64 -16.70
CA PHE A 349 -20.11 -6.88 -17.70
C PHE A 349 -19.54 -7.81 -18.77
N ALA A 350 -19.70 -7.38 -20.02
CA ALA A 350 -18.91 -7.84 -21.18
C ALA A 350 -17.51 -7.22 -21.06
N LEU A 351 -16.51 -8.04 -20.74
CA LEU A 351 -15.10 -7.64 -20.59
C LEU A 351 -14.34 -8.16 -21.81
N LYS A 352 -13.79 -7.24 -22.60
CA LYS A 352 -12.98 -7.51 -23.81
C LYS A 352 -11.60 -6.91 -23.52
N ILE A 353 -10.57 -7.77 -23.45
CA ILE A 353 -9.16 -7.38 -23.18
C ILE A 353 -8.33 -7.68 -24.42
N GLY A 354 -7.59 -6.70 -24.92
CA GLY A 354 -6.60 -6.86 -26.00
C GLY A 354 -5.76 -5.61 -26.16
N ASP A 355 -4.50 -5.76 -26.58
CA ASP A 355 -3.52 -4.65 -26.78
C ASP A 355 -3.29 -3.95 -25.44
N GLY A 356 -3.37 -4.72 -24.34
CA GLY A 356 -3.22 -4.21 -22.96
C GLY A 356 -4.24 -3.14 -22.60
N ARG A 357 -5.34 -3.00 -23.34
CA ARG A 357 -6.52 -2.17 -22.92
C ARG A 357 -7.69 -3.13 -22.65
N ALA A 358 -8.65 -2.69 -21.84
CA ALA A 358 -9.92 -3.40 -21.56
C ALA A 358 -11.10 -2.49 -21.91
N ARG A 359 -12.15 -3.08 -22.49
CA ARG A 359 -13.49 -2.46 -22.65
C ARG A 359 -14.45 -3.27 -21.79
N CYS A 360 -15.16 -2.58 -20.88
CA CYS A 360 -16.05 -3.16 -19.86
C CYS A 360 -17.44 -2.54 -20.00
N THR A 361 -18.43 -3.30 -20.48
CA THR A 361 -19.77 -2.78 -20.86
C THR A 361 -20.89 -3.63 -20.24
N PRO A 362 -22.04 -3.01 -19.90
CA PRO A 362 -23.16 -3.75 -19.32
C PRO A 362 -23.62 -4.84 -20.29
N THR A 363 -24.04 -5.97 -19.76
CA THR A 363 -24.65 -7.10 -20.52
C THR A 363 -25.61 -7.84 -19.58
N ASP A 364 -26.52 -8.64 -20.14
CA ASP A 364 -27.37 -9.57 -19.36
C ASP A 364 -27.07 -11.00 -19.85
N ALA A 365 -26.05 -11.13 -20.71
CA ALA A 365 -25.53 -12.42 -21.21
C ALA A 365 -25.14 -13.29 -20.01
N ALA A 366 -25.20 -14.62 -20.16
CA ALA A 366 -24.76 -15.58 -19.12
C ALA A 366 -23.34 -15.23 -18.65
N ALA A 367 -23.12 -15.19 -17.33
CA ALA A 367 -21.80 -14.99 -16.71
C ALA A 367 -20.93 -16.22 -16.96
N GLU A 368 -19.66 -16.01 -17.33
CA GLU A 368 -18.62 -17.05 -17.46
C GLU A 368 -17.73 -17.08 -16.21
N ILE A 369 -17.64 -15.95 -15.50
CA ILE A 369 -16.76 -15.76 -14.31
C ILE A 369 -17.55 -14.96 -13.25
N GLU A 370 -17.63 -15.50 -12.04
CA GLU A 370 -18.30 -14.85 -10.87
C GLU A 370 -17.27 -14.65 -9.76
N MET A 371 -17.35 -13.52 -9.05
CA MET A 371 -16.53 -13.25 -7.85
C MET A 371 -17.23 -12.19 -6.99
N ASP A 372 -17.07 -12.24 -5.67
CA ASP A 372 -17.47 -11.12 -4.75
C ASP A 372 -16.57 -9.93 -5.10
N ARG A 373 -16.96 -8.72 -4.70
CA ARG A 373 -16.26 -7.49 -5.12
C ARG A 373 -14.85 -7.46 -4.51
N ASP A 374 -14.68 -7.95 -3.27
CA ASP A 374 -13.37 -7.95 -2.56
C ASP A 374 -12.34 -8.70 -3.40
N VAL A 375 -12.74 -9.79 -4.05
CA VAL A 375 -11.83 -10.64 -4.87
C VAL A 375 -11.25 -9.81 -6.01
N LEU A 376 -12.07 -8.96 -6.62
CA LEU A 376 -11.61 -8.09 -7.73
C LEU A 376 -10.52 -7.12 -7.23
N GLY A 377 -10.67 -6.55 -6.04
CA GLY A 377 -9.64 -5.72 -5.37
C GLY A 377 -8.30 -6.45 -5.32
N SER A 378 -8.31 -7.72 -4.89
CA SER A 378 -7.13 -8.60 -4.75
C SER A 378 -6.47 -8.91 -6.12
N LEU A 379 -7.24 -8.92 -7.22
CA LEU A 379 -6.69 -9.17 -8.57
C LEU A 379 -6.14 -7.86 -9.17
N TYR A 380 -6.65 -6.71 -8.72
CA TYR A 380 -6.64 -5.47 -9.52
C TYR A 380 -5.21 -4.97 -9.75
N LEU A 381 -4.30 -5.10 -8.78
CA LEU A 381 -2.89 -4.62 -8.87
C LEU A 381 -1.93 -5.75 -9.29
N GLY A 382 -2.40 -6.98 -9.46
CA GLY A 382 -1.58 -8.11 -9.96
C GLY A 382 -0.89 -8.92 -8.86
N ALA A 383 -1.11 -8.63 -7.58
CA ALA A 383 -0.42 -9.32 -6.46
C ALA A 383 -0.90 -10.78 -6.36
N HIS A 384 -2.18 -11.05 -6.62
CA HIS A 384 -2.80 -12.38 -6.46
C HIS A 384 -3.20 -12.92 -7.84
N ARG A 385 -3.00 -14.21 -8.05
CA ARG A 385 -3.35 -14.89 -9.33
C ARG A 385 -4.80 -15.37 -9.27
N ALA A 386 -5.55 -15.24 -10.35
CA ALA A 386 -6.96 -15.67 -10.45
C ALA A 386 -7.05 -17.19 -10.20
N SER A 387 -6.09 -17.97 -10.72
CA SER A 387 -5.97 -19.44 -10.48
C SER A 387 -6.03 -19.77 -8.99
N THR A 388 -5.29 -19.02 -8.16
CA THR A 388 -5.16 -19.24 -6.70
C THR A 388 -6.52 -19.01 -6.04
N LEU A 389 -7.17 -17.90 -6.39
CA LEU A 389 -8.49 -17.52 -5.81
C LEU A 389 -9.56 -18.50 -6.28
N ALA A 390 -9.43 -19.00 -7.51
CA ALA A 390 -10.30 -20.04 -8.09
C ALA A 390 -10.13 -21.34 -7.30
N ALA A 391 -8.88 -21.72 -6.98
CA ALA A 391 -8.59 -22.93 -6.18
C ALA A 391 -9.31 -22.85 -4.83
N ALA A 392 -9.57 -21.65 -4.31
CA ALA A 392 -10.24 -21.38 -3.02
C ALA A 392 -11.75 -21.20 -3.23
N ASN A 393 -12.20 -21.24 -4.49
CA ASN A 393 -13.61 -21.04 -4.92
C ASN A 393 -14.11 -19.63 -4.54
N ARG A 394 -13.21 -18.65 -4.42
CA ARG A 394 -13.55 -17.22 -4.29
C ARG A 394 -13.92 -16.66 -5.67
N LEU A 395 -13.62 -17.40 -6.72
CA LEU A 395 -13.70 -16.95 -8.13
C LEU A 395 -14.15 -18.14 -8.99
N ARG A 396 -15.44 -18.22 -9.33
CA ARG A 396 -16.06 -19.36 -10.05
C ARG A 396 -16.00 -19.16 -11.56
N THR A 397 -15.48 -20.16 -12.28
CA THR A 397 -15.59 -20.32 -13.75
C THR A 397 -15.58 -21.82 -14.09
N LYS A 398 -16.20 -22.22 -15.20
CA LYS A 398 -16.20 -23.63 -15.67
C LYS A 398 -15.19 -23.81 -16.82
N ASP A 399 -14.41 -22.77 -17.14
CA ASP A 399 -13.41 -22.79 -18.24
C ASP A 399 -12.02 -22.38 -17.72
N SER A 400 -11.08 -23.32 -17.66
CA SER A 400 -9.70 -23.10 -17.12
C SER A 400 -8.84 -22.35 -18.14
N GLN A 401 -9.18 -22.41 -19.43
CA GLN A 401 -8.49 -21.58 -20.46
C GLN A 401 -8.71 -20.10 -20.12
N LEU A 402 -9.92 -19.74 -19.70
CA LEU A 402 -10.30 -18.35 -19.34
C LEU A 402 -9.55 -17.95 -18.07
N LEU A 403 -9.35 -18.89 -17.15
CA LEU A 403 -8.61 -18.68 -15.88
C LEU A 403 -7.16 -18.31 -16.22
N ARG A 404 -6.49 -19.09 -17.09
CA ARG A 404 -5.09 -18.81 -17.51
C ARG A 404 -5.02 -17.41 -18.13
N ARG A 405 -5.96 -17.08 -19.02
CA ARG A 405 -6.01 -15.76 -19.71
C ARG A 405 -6.18 -14.60 -18.73
N LEU A 406 -7.02 -14.76 -17.69
CA LEU A 406 -7.21 -13.73 -16.63
C LEU A 406 -5.91 -13.56 -15.84
N ASP A 407 -5.36 -14.67 -15.33
CA ASP A 407 -4.01 -14.72 -14.71
C ASP A 407 -3.02 -13.86 -15.52
N ALA A 408 -2.88 -14.15 -16.81
CA ALA A 408 -1.86 -13.55 -17.70
C ALA A 408 -2.14 -12.05 -17.91
N ALA A 409 -3.40 -11.69 -18.16
CA ALA A 409 -3.80 -10.30 -18.48
C ALA A 409 -3.65 -9.39 -17.26
N PHE A 410 -4.02 -9.87 -16.06
CA PHE A 410 -4.11 -9.06 -14.82
C PHE A 410 -2.73 -8.92 -14.18
N ALA A 411 -1.84 -9.89 -14.39
CA ALA A 411 -0.42 -9.88 -13.95
C ALA A 411 0.21 -8.52 -14.29
N SER A 412 1.09 -8.02 -13.42
CA SER A 412 1.80 -6.73 -13.58
C SER A 412 3.26 -6.98 -14.00
N ASP A 413 3.69 -6.28 -15.04
CA ASP A 413 5.06 -6.36 -15.61
C ASP A 413 6.02 -5.81 -14.55
N VAL A 414 5.84 -4.56 -14.10
CA VAL A 414 6.52 -3.96 -12.91
C VAL A 414 5.89 -4.57 -11.67
N PRO A 415 6.66 -5.18 -10.75
CA PRO A 415 6.08 -5.85 -9.59
C PRO A 415 5.46 -4.86 -8.60
N VAL A 416 4.36 -5.24 -7.94
CA VAL A 416 3.51 -4.33 -7.13
C VAL A 416 4.13 -4.21 -5.72
N GLN A 417 4.09 -2.99 -5.19
CA GLN A 417 4.78 -2.55 -3.96
C GLN A 417 3.81 -1.73 -3.10
N THR A 418 4.07 -1.60 -1.80
CA THR A 418 3.22 -0.80 -0.87
C THR A 418 3.92 0.53 -0.63
N ALA A 419 3.19 1.64 -0.73
CA ALA A 419 3.81 2.99 -0.74
C ALA A 419 4.13 3.36 0.71
N PHE A 420 3.12 3.82 1.44
CA PHE A 420 3.25 4.21 2.87
C PHE A 420 1.93 3.91 3.54
N GLU A 421 1.99 3.55 4.82
CA GLU A 421 0.84 3.18 5.63
C GLU A 421 0.06 4.48 5.91
N PHE A 422 -1.28 4.39 5.86
CA PHE A 422 -2.23 5.48 6.20
C PHE A 422 -3.42 4.84 6.93
#